data_5KD8
#
_entry.id   5KD8
#
_cell.length_a   87.450
_cell.length_b   88.230
_cell.length_c   98.650
_cell.angle_alpha   90.00
_cell.angle_beta   90.00
_cell.angle_gamma   90.00
#
_symmetry.space_group_name_H-M   'P 21 21 21'
#
loop_
_entity.id
_entity.type
_entity.pdbx_description
1 polymer Metallopeptidase
2 non-polymer 'ZINC ION'
3 non-polymer 'NICKEL (II) ION'
4 non-polymer 'SODIUM ION'
5 non-polymer SERINE
6 non-polymer 2-acetamido-2-deoxy-alpha-D-galactopyranose
7 water water
#
_entity_poly.entity_id   1
_entity_poly.type   'polypeptide(L)'
_entity_poly.pdbx_seq_one_letter_code
;MGSSHHHHHHSSGLVPRGSHMASDKWEKEFRIRSYEPYSNIAEWADKLMTKKYSDLDNPTGISVKAGDDIIVLVGDTYGQ
NISMQCIWETGTEYKQTASSGDVYMLNPGVNKLTMKGEGQLFVMYNTELTSNTAKPIKIHIPLGSGTVNGFFDLKEHKTD
EKYAELLKKSTHKYFCIRGEKIMFYFHRNKLLEYVPNNILSAIHLWDNIVGWQQELMGIDDVRPSQVNNHLFAISPEGSY
MWASDYQIGFVYTYLGNILLEDNVMAAEDNAWGPAHEIGHVHQAAINWASSTESSNNLFSNFIIYKLGKYKSRGNGLGSV
ATARYANGQAWYNMGDATHQNEDTETHMRMNWQLWIYYHRCEYKTDFWQTLFKLMREVNMTEGEDPGKKQLEFAKMASKA
ANQNLTDFFEMWGFFEPVNTTIEQYGTYKYYVSDAMIREAKEYMAQFPAPKHAFQYIEDRKKSEFPSNDYRYSAVGDVGY
YTQFKENQKITKAITAELAGRKVSIQNGDEAVAFELRENDENGKLLYFSTFTTFEIPSSILMVNAKLYAVQADGKRILL
;
_entity_poly.pdbx_strand_id   A
#
# COMPACT_ATOMS: atom_id res chain seq x y z
N SER A 23 -16.86 30.73 -27.96
CA SER A 23 -17.14 29.71 -26.90
C SER A 23 -17.29 28.27 -27.43
N ASP A 24 -17.39 28.11 -28.75
CA ASP A 24 -17.53 26.78 -29.33
C ASP A 24 -16.19 26.03 -29.37
N LYS A 25 -15.07 26.75 -29.30
CA LYS A 25 -13.74 26.10 -29.22
C LYS A 25 -13.60 25.27 -27.92
N TRP A 26 -14.30 25.73 -26.87
CA TRP A 26 -14.44 25.01 -25.60
C TRP A 26 -15.38 23.80 -25.73
N GLU A 27 -16.53 23.99 -26.38
CA GLU A 27 -17.44 22.88 -26.62
C GLU A 27 -16.77 21.74 -27.46
N LYS A 28 -15.86 22.09 -28.36
CA LYS A 28 -15.30 21.13 -29.31
C LYS A 28 -14.10 20.36 -28.76
N GLU A 29 -13.39 20.98 -27.82
CA GLU A 29 -12.42 20.29 -26.96
C GLU A 29 -12.97 18.96 -26.39
N PHE A 30 -14.27 18.93 -26.08
CA PHE A 30 -14.94 17.79 -25.46
C PHE A 30 -15.94 17.02 -26.33
N ARG A 31 -16.59 17.70 -27.28
CA ARG A 31 -17.61 17.06 -28.14
C ARG A 31 -17.00 16.22 -29.30
N ILE A 32 -15.74 16.47 -29.63
CA ILE A 32 -15.04 15.78 -30.68
C ILE A 32 -13.71 15.37 -30.10
N ARG A 33 -13.49 14.06 -29.91
CA ARG A 33 -12.30 13.59 -29.21
C ARG A 33 -11.89 12.21 -29.71
N SER A 34 -10.59 11.94 -29.68
CA SER A 34 -10.06 10.60 -29.93
C SER A 34 -9.81 9.91 -28.58
N TYR A 35 -10.54 8.81 -28.37
CA TYR A 35 -10.53 8.11 -27.09
C TYR A 35 -9.60 6.92 -27.19
N GLU A 36 -8.63 6.87 -26.28
CA GLU A 36 -7.61 5.82 -26.31
C GLU A 36 -8.15 4.54 -25.69
N PRO A 37 -7.61 3.39 -26.11
CA PRO A 37 -8.00 2.14 -25.48
C PRO A 37 -7.34 1.98 -24.11
N TYR A 38 -8.04 1.36 -23.17
CA TYR A 38 -7.47 1.05 -21.88
C TYR A 38 -7.60 -0.45 -21.75
N SER A 39 -6.78 -1.04 -20.88
CA SER A 39 -6.79 -2.47 -20.65
C SER A 39 -8.05 -2.94 -19.91
N ASN A 40 -8.25 -4.26 -19.84
CA ASN A 40 -9.33 -4.88 -19.05
C ASN A 40 -8.97 -5.03 -17.56
N ILE A 41 -9.83 -4.52 -16.69
CA ILE A 41 -9.52 -4.50 -15.27
C ILE A 41 -9.59 -5.85 -14.54
N ALA A 42 -10.62 -6.65 -14.85
CA ALA A 42 -10.77 -7.96 -14.20
C ALA A 42 -9.54 -8.81 -14.42
N GLU A 43 -9.12 -8.87 -15.68
CA GLU A 43 -7.96 -9.63 -16.08
C GLU A 43 -6.69 -9.29 -15.29
N TRP A 44 -6.40 -8.01 -15.15
CA TRP A 44 -5.15 -7.59 -14.56
C TRP A 44 -5.21 -7.61 -13.05
N ALA A 45 -6.40 -7.42 -12.52
CA ALA A 45 -6.58 -7.66 -11.10
C ALA A 45 -6.15 -9.09 -10.77
N ASP A 46 -6.54 -10.06 -11.58
CA ASP A 46 -6.10 -11.44 -11.37
C ASP A 46 -4.63 -11.59 -11.52
N LYS A 47 -4.08 -11.15 -12.65
CA LYS A 47 -2.66 -11.37 -12.89
C LYS A 47 -1.73 -10.66 -11.89
N LEU A 48 -2.11 -9.44 -11.47
CA LEU A 48 -1.28 -8.65 -10.54
C LEU A 48 -1.71 -8.73 -9.07
N MET A 49 -2.79 -9.47 -8.82
CA MET A 49 -3.25 -9.69 -7.48
C MET A 49 -3.47 -8.33 -6.81
N THR A 50 -4.43 -7.59 -7.37
CA THR A 50 -4.89 -6.35 -6.77
C THR A 50 -6.39 -6.34 -6.78
N LYS A 51 -6.96 -5.46 -5.99
CA LYS A 51 -8.32 -5.10 -6.21
C LYS A 51 -8.38 -4.52 -7.62
N LYS A 52 -9.59 -4.47 -8.17
CA LYS A 52 -9.79 -3.98 -9.53
C LYS A 52 -9.55 -2.46 -9.60
N TYR A 53 -8.78 -2.03 -10.57
CA TYR A 53 -8.65 -0.60 -10.84
C TYR A 53 -9.95 -0.08 -11.46
N SER A 54 -9.99 1.19 -11.82
CA SER A 54 -11.17 1.73 -12.48
C SER A 54 -11.16 1.44 -13.98
N ASP A 55 -12.34 1.30 -14.57
CA ASP A 55 -12.49 1.32 -16.02
C ASP A 55 -13.18 2.64 -16.49
N LEU A 56 -13.22 3.65 -15.62
CA LEU A 56 -13.76 4.95 -15.96
C LEU A 56 -12.63 5.86 -16.37
N ASP A 57 -11.73 5.31 -17.16
CA ASP A 57 -10.57 6.01 -17.65
C ASP A 57 -10.87 7.07 -18.70
N ASN A 58 -12.01 6.94 -19.40
CA ASN A 58 -12.30 7.82 -20.56
C ASN A 58 -13.55 8.66 -20.37
N PRO A 59 -13.46 9.68 -19.50
CA PRO A 59 -14.56 10.63 -19.43
C PRO A 59 -14.74 11.34 -20.75
N THR A 60 -16.00 11.61 -21.11
CA THR A 60 -16.30 12.48 -22.26
C THR A 60 -16.14 13.95 -21.87
N GLY A 61 -16.63 14.29 -20.68
CA GLY A 61 -16.79 15.66 -20.27
C GLY A 61 -18.18 16.15 -20.61
N ILE A 62 -19.12 15.22 -20.77
CA ILE A 62 -20.47 15.55 -21.15
C ILE A 62 -21.46 15.10 -20.09
N SER A 63 -22.18 16.05 -19.51
CA SER A 63 -23.27 15.76 -18.56
C SER A 63 -24.60 15.55 -19.29
N VAL A 64 -25.49 14.81 -18.67
CA VAL A 64 -26.79 14.54 -19.26
C VAL A 64 -27.86 14.50 -18.17
N LYS A 65 -29.13 14.59 -18.61
CA LYS A 65 -30.28 14.56 -17.72
C LYS A 65 -31.23 13.52 -18.25
N ALA A 66 -31.99 12.89 -17.36
CA ALA A 66 -32.93 11.83 -17.73
C ALA A 66 -33.77 12.26 -18.93
N GLY A 67 -34.08 11.31 -19.81
CA GLY A 67 -34.79 11.59 -21.06
C GLY A 67 -34.04 12.32 -22.17
N ASP A 68 -32.80 12.76 -21.94
CA ASP A 68 -32.02 13.48 -22.97
C ASP A 68 -31.74 12.61 -24.22
N ASP A 69 -31.98 13.19 -25.40
CA ASP A 69 -31.65 12.49 -26.65
C ASP A 69 -30.25 12.89 -27.05
N ILE A 70 -29.44 11.86 -27.30
CA ILE A 70 -28.00 12.03 -27.48
C ILE A 70 -27.57 11.36 -28.78
N ILE A 71 -26.84 12.12 -29.59
CA ILE A 71 -26.33 11.63 -30.87
C ILE A 71 -24.85 11.36 -30.67
N VAL A 72 -24.39 10.18 -31.09
CA VAL A 72 -22.98 9.88 -31.02
C VAL A 72 -22.55 9.32 -32.34
N LEU A 73 -21.56 9.98 -32.92
CA LEU A 73 -21.04 9.57 -34.21
C LEU A 73 -19.70 8.93 -34.02
N VAL A 74 -19.62 7.65 -34.33
CA VAL A 74 -18.41 6.92 -34.08
C VAL A 74 -17.73 6.66 -35.40
N GLY A 75 -16.45 7.02 -35.48
CA GLY A 75 -15.63 6.72 -36.63
C GLY A 75 -15.31 5.25 -36.72
N ASP A 76 -14.21 4.95 -37.40
CA ASP A 76 -13.72 3.59 -37.52
C ASP A 76 -13.44 3.02 -36.12
N THR A 77 -13.94 1.81 -35.84
CA THR A 77 -13.68 1.11 -34.58
C THR A 77 -12.68 -0.04 -34.64
N TYR A 78 -12.16 -0.34 -35.85
CA TYR A 78 -11.14 -1.39 -36.05
C TYR A 78 -11.58 -2.74 -35.57
N GLY A 79 -12.89 -2.99 -35.62
CA GLY A 79 -13.42 -4.23 -35.09
C GLY A 79 -13.55 -4.33 -33.57
N GLN A 80 -13.36 -3.21 -32.86
CA GLN A 80 -13.50 -3.20 -31.39
C GLN A 80 -14.97 -3.05 -30.97
N ASN A 81 -15.32 -3.58 -29.81
CA ASN A 81 -16.64 -3.31 -29.24
C ASN A 81 -16.46 -2.26 -28.17
N ILE A 82 -17.10 -1.12 -28.35
CA ILE A 82 -17.07 -0.07 -27.38
C ILE A 82 -18.48 0.38 -27.01
N SER A 83 -18.60 1.03 -25.88
CA SER A 83 -19.91 1.47 -25.45
C SER A 83 -19.84 2.79 -24.69
N MET A 84 -21.00 3.27 -24.29
CA MET A 84 -21.10 4.48 -23.51
C MET A 84 -21.75 4.12 -22.17
N GLN A 85 -21.28 4.76 -21.11
CA GLN A 85 -21.84 4.55 -19.78
C GLN A 85 -22.13 5.90 -19.15
N CYS A 86 -23.34 6.03 -18.61
CA CYS A 86 -23.71 7.17 -17.76
C CYS A 86 -23.40 6.83 -16.29
N ILE A 87 -22.53 7.60 -15.65
CA ILE A 87 -22.20 7.39 -14.24
C ILE A 87 -22.84 8.50 -13.40
N TRP A 88 -23.55 8.11 -12.34
CA TRP A 88 -24.21 9.05 -11.44
C TRP A 88 -23.92 8.61 -10.01
N GLU A 89 -24.97 8.30 -9.24
CA GLU A 89 -24.86 8.19 -7.79
C GLU A 89 -25.57 6.96 -7.27
N THR A 90 -25.07 6.46 -6.16
CA THR A 90 -25.64 5.30 -5.50
C THR A 90 -25.68 5.53 -3.96
N GLY A 91 -26.23 4.56 -3.24
CA GLY A 91 -26.29 4.60 -1.77
C GLY A 91 -27.63 5.03 -1.19
N THR A 92 -28.07 4.30 -0.16
CA THR A 92 -29.27 4.65 0.61
C THR A 92 -28.91 5.61 1.75
N GLU A 93 -28.03 5.16 2.64
CA GLU A 93 -27.57 5.94 3.81
C GLU A 93 -27.19 7.38 3.47
N TYR A 94 -26.38 7.53 2.42
CA TYR A 94 -26.00 8.82 1.88
C TYR A 94 -25.67 8.60 0.41
N LYS A 95 -25.23 9.65 -0.28
CA LYS A 95 -24.96 9.57 -1.71
C LYS A 95 -23.46 9.60 -2.01
N GLN A 96 -23.02 8.75 -2.94
CA GLN A 96 -21.67 8.81 -3.51
C GLN A 96 -21.67 8.44 -4.99
N THR A 97 -20.56 8.72 -5.67
CA THR A 97 -20.43 8.40 -7.10
C THR A 97 -20.39 6.88 -7.21
N ALA A 98 -21.21 6.32 -8.11
CA ALA A 98 -21.25 4.86 -8.27
C ALA A 98 -20.09 4.42 -9.15
N SER A 99 -19.84 3.12 -9.21
CA SER A 99 -18.75 2.61 -10.05
C SER A 99 -19.26 2.04 -11.42
N SER A 100 -20.57 1.93 -11.58
CA SER A 100 -21.14 1.49 -12.83
C SER A 100 -22.47 2.22 -13.00
N GLY A 101 -23.07 2.12 -14.20
CA GLY A 101 -24.28 2.88 -14.49
C GLY A 101 -24.96 2.35 -15.72
N ASP A 102 -25.85 3.14 -16.30
CA ASP A 102 -26.52 2.77 -17.54
C ASP A 102 -25.51 2.59 -18.68
N VAL A 103 -25.57 1.45 -19.34
CA VAL A 103 -24.69 1.16 -20.48
C VAL A 103 -25.48 1.19 -21.78
N TYR A 104 -24.90 1.88 -22.77
CA TYR A 104 -25.46 1.96 -24.12
C TYR A 104 -24.44 1.47 -25.16
N MET A 105 -24.85 0.54 -26.01
CA MET A 105 -23.94 0.06 -27.05
C MET A 105 -23.74 1.10 -28.17
N LEU A 106 -22.55 1.06 -28.75
CA LEU A 106 -22.16 1.93 -29.82
C LEU A 106 -21.73 1.08 -31.00
N ASN A 107 -22.12 1.52 -32.19
CA ASN A 107 -21.60 0.98 -33.44
C ASN A 107 -20.97 2.06 -34.29
N PRO A 108 -20.06 1.68 -35.19
CA PRO A 108 -19.49 2.69 -36.06
C PRO A 108 -20.62 3.42 -36.77
N GLY A 109 -20.46 4.72 -36.99
CA GLY A 109 -21.51 5.49 -37.65
C GLY A 109 -22.38 6.29 -36.70
N VAL A 110 -23.70 6.23 -36.93
CA VAL A 110 -24.69 7.02 -36.21
C VAL A 110 -25.34 6.24 -35.09
N ASN A 111 -25.37 6.85 -33.90
CA ASN A 111 -25.99 6.26 -32.71
C ASN A 111 -26.89 7.32 -32.08
N LYS A 112 -28.13 6.98 -31.79
CA LYS A 112 -29.03 7.92 -31.17
C LYS A 112 -29.46 7.28 -29.86
N LEU A 113 -29.09 7.91 -28.76
CA LEU A 113 -29.33 7.33 -27.44
C LEU A 113 -30.32 8.20 -26.68
N THR A 114 -31.09 7.54 -25.82
CA THR A 114 -32.02 8.23 -24.95
C THR A 114 -31.59 7.92 -23.50
N MET A 115 -31.09 8.93 -22.80
CA MET A 115 -30.60 8.74 -21.43
C MET A 115 -31.71 8.33 -20.48
N LYS A 116 -31.60 7.11 -19.94
CA LYS A 116 -32.43 6.67 -18.83
C LYS A 116 -32.23 7.45 -17.53
N GLY A 117 -31.13 8.20 -17.42
CA GLY A 117 -30.87 8.90 -16.18
C GLY A 117 -29.84 9.97 -16.42
N GLU A 118 -29.69 10.84 -15.44
CA GLU A 118 -28.62 11.82 -15.41
C GLU A 118 -27.29 11.17 -15.00
N GLY A 119 -26.22 11.96 -15.09
CA GLY A 119 -24.85 11.53 -14.82
C GLY A 119 -23.93 12.20 -15.82
N GLN A 120 -22.64 11.87 -15.77
CA GLN A 120 -21.70 12.21 -16.84
C GLN A 120 -21.44 10.96 -17.70
N LEU A 121 -21.02 11.20 -18.94
CA LEU A 121 -20.75 10.12 -19.88
C LEU A 121 -19.29 9.73 -19.91
N PHE A 122 -19.08 8.41 -19.97
CA PHE A 122 -17.74 7.83 -20.10
C PHE A 122 -17.77 6.86 -21.27
N VAL A 123 -16.70 6.86 -22.07
CA VAL A 123 -16.56 5.90 -23.15
C VAL A 123 -15.83 4.67 -22.62
N MET A 124 -16.44 3.50 -22.80
CA MET A 124 -15.89 2.23 -22.37
C MET A 124 -15.21 1.53 -23.53
N TYR A 125 -13.90 1.72 -23.60
CA TYR A 125 -13.06 1.13 -24.62
C TYR A 125 -11.97 0.36 -23.90
N ASN A 126 -12.27 -0.92 -23.67
CA ASN A 126 -11.42 -1.83 -22.95
C ASN A 126 -11.11 -3.02 -23.82
N THR A 127 -9.82 -3.24 -24.03
CA THR A 127 -9.35 -4.28 -24.92
C THR A 127 -7.87 -4.61 -24.67
N GLU A 128 -7.33 -5.55 -25.45
CA GLU A 128 -5.92 -5.95 -25.32
C GLU A 128 -5.11 -4.89 -26.03
N LEU A 129 -4.15 -4.32 -25.30
CA LEU A 129 -3.40 -3.15 -25.77
C LEU A 129 -2.28 -3.45 -26.78
N THR A 130 -1.74 -4.68 -26.77
CA THR A 130 -0.60 -5.03 -27.63
C THR A 130 -1.02 -5.25 -29.08
N SER A 131 -2.27 -5.65 -29.28
CA SER A 131 -2.89 -5.74 -30.62
C SER A 131 -2.73 -4.47 -31.47
N ASN A 132 -2.37 -4.67 -32.73
CA ASN A 132 -2.23 -3.58 -33.70
C ASN A 132 -3.56 -2.86 -34.01
N THR A 133 -4.69 -3.50 -33.75
CA THR A 133 -6.02 -2.87 -33.86
C THR A 133 -6.48 -2.04 -32.62
N ALA A 134 -5.60 -1.88 -31.62
CA ALA A 134 -5.90 -1.08 -30.43
C ALA A 134 -5.48 0.35 -30.67
N LYS A 135 -6.27 1.06 -31.48
CA LYS A 135 -5.95 2.44 -31.82
C LYS A 135 -7.04 3.34 -31.29
N PRO A 136 -6.76 4.64 -31.17
CA PRO A 136 -7.80 5.56 -30.71
C PRO A 136 -9.00 5.62 -31.63
N ILE A 137 -10.18 5.84 -31.06
CA ILE A 137 -11.40 5.91 -31.84
C ILE A 137 -12.02 7.29 -31.66
N LYS A 138 -12.30 7.95 -32.80
CA LYS A 138 -12.78 9.32 -32.81
C LYS A 138 -14.26 9.26 -32.61
N ILE A 139 -14.78 10.07 -31.70
CA ILE A 139 -16.21 10.06 -31.37
C ILE A 139 -16.68 11.49 -31.28
N HIS A 140 -17.83 11.75 -31.88
CA HIS A 140 -18.29 13.08 -32.13
C HIS A 140 -19.66 13.15 -31.52
N ILE A 141 -19.80 13.91 -30.45
CA ILE A 141 -21.12 14.12 -29.85
C ILE A 141 -21.52 15.56 -30.21
N PRO A 142 -22.40 15.72 -31.22
CA PRO A 142 -22.60 17.03 -31.88
C PRO A 142 -23.38 18.03 -31.04
N LEU A 143 -23.09 19.31 -31.26
CA LEU A 143 -23.73 20.41 -30.54
C LEU A 143 -25.20 20.11 -30.36
N GLY A 144 -25.75 20.43 -29.18
CA GLY A 144 -27.13 20.12 -28.85
C GLY A 144 -27.38 18.80 -28.12
N SER A 145 -26.35 17.96 -28.00
CA SER A 145 -26.50 16.65 -27.34
C SER A 145 -25.87 16.73 -25.95
N GLY A 146 -26.68 16.67 -24.90
CA GLY A 146 -26.24 16.95 -23.51
C GLY A 146 -25.63 18.33 -23.31
N THR A 147 -24.85 18.48 -22.25
CA THR A 147 -24.17 19.72 -21.93
C THR A 147 -22.69 19.43 -21.75
N VAL A 148 -21.83 20.34 -22.19
CA VAL A 148 -20.41 20.19 -21.96
C VAL A 148 -20.08 20.66 -20.55
N ASN A 149 -19.66 19.75 -19.68
CA ASN A 149 -19.12 20.13 -18.39
C ASN A 149 -17.64 20.39 -18.53
N GLY A 150 -16.99 19.51 -19.28
CA GLY A 150 -15.54 19.58 -19.39
C GLY A 150 -14.90 18.58 -18.45
N PHE A 151 -13.58 18.47 -18.53
CA PHE A 151 -12.81 17.65 -17.63
C PHE A 151 -11.37 18.03 -17.93
N PHE A 152 -10.49 17.88 -16.97
CA PHE A 152 -9.13 18.32 -17.13
C PHE A 152 -8.27 17.09 -17.23
N ASP A 153 -7.38 17.02 -18.22
CA ASP A 153 -6.39 15.96 -18.33
C ASP A 153 -5.04 16.62 -18.15
N LEU A 154 -4.16 15.96 -17.38
CA LEU A 154 -2.85 16.52 -17.10
C LEU A 154 -1.96 16.70 -18.33
N LYS A 155 -1.94 15.73 -19.23
CA LYS A 155 -0.93 15.78 -20.29
C LYS A 155 -1.32 16.68 -21.45
N GLU A 156 -2.62 16.85 -21.65
CA GLU A 156 -3.10 17.61 -22.80
C GLU A 156 -3.50 19.05 -22.47
N HIS A 157 -3.89 19.33 -21.22
CA HIS A 157 -4.22 20.70 -20.81
C HIS A 157 -3.09 21.37 -20.02
N LYS A 158 -2.24 20.58 -19.38
CA LYS A 158 -0.94 21.03 -18.89
C LYS A 158 -0.89 22.10 -17.77
N THR A 159 -1.90 22.97 -17.63
CA THR A 159 -1.76 24.16 -16.74
C THR A 159 -2.89 24.40 -15.73
N ASP A 160 -2.48 24.97 -14.58
CA ASP A 160 -3.40 25.41 -13.52
C ASP A 160 -4.38 26.42 -14.14
N GLU A 161 -3.85 27.28 -15.01
CA GLU A 161 -4.65 28.28 -15.68
C GLU A 161 -5.77 27.61 -16.49
N LYS A 162 -5.42 26.69 -17.39
CA LYS A 162 -6.47 25.95 -18.13
C LYS A 162 -7.43 25.22 -17.16
N TYR A 163 -6.88 24.64 -16.10
CA TYR A 163 -7.68 23.97 -15.06
C TYR A 163 -8.78 24.85 -14.45
N ALA A 164 -8.38 26.06 -14.04
CA ALA A 164 -9.33 27.03 -13.43
C ALA A 164 -10.45 27.38 -14.39
N GLU A 165 -10.06 27.73 -15.61
CA GLU A 165 -10.96 28.02 -16.71
C GLU A 165 -12.00 26.90 -16.86
N LEU A 166 -11.51 25.67 -17.03
CA LEU A 166 -12.41 24.52 -17.19
C LEU A 166 -13.31 24.34 -15.99
N LEU A 167 -12.70 24.40 -14.81
CA LEU A 167 -13.46 24.31 -13.56
C LEU A 167 -14.61 25.34 -13.49
N LYS A 168 -14.33 26.61 -13.81
CA LYS A 168 -15.33 27.68 -13.75
C LYS A 168 -16.46 27.47 -14.76
N LYS A 169 -16.06 27.14 -15.99
CA LYS A 169 -16.99 26.82 -17.07
C LYS A 169 -17.83 25.60 -16.76
N SER A 170 -17.23 24.63 -16.05
CA SER A 170 -17.97 23.45 -15.60
C SER A 170 -19.18 23.87 -14.79
N THR A 171 -20.16 23.00 -14.72
CA THR A 171 -21.44 23.30 -14.11
C THR A 171 -22.14 22.09 -13.50
N HIS A 172 -21.45 20.97 -13.40
CA HIS A 172 -22.09 19.75 -12.99
C HIS A 172 -21.67 19.49 -11.55
N LYS A 173 -22.45 18.70 -10.82
CA LYS A 173 -22.13 18.40 -9.41
C LYS A 173 -20.69 17.87 -9.22
N TYR A 174 -20.18 17.15 -10.21
CA TYR A 174 -18.80 16.62 -10.19
C TYR A 174 -17.95 17.09 -11.36
N PHE A 175 -16.66 17.30 -11.10
CA PHE A 175 -15.72 17.64 -12.15
C PHE A 175 -14.58 16.62 -12.11
N CYS A 176 -14.20 16.10 -13.27
CA CYS A 176 -13.25 14.99 -13.38
C CYS A 176 -11.91 15.56 -13.67
N ILE A 177 -10.90 15.03 -12.99
CA ILE A 177 -9.53 15.40 -13.23
C ILE A 177 -8.73 14.13 -13.47
N ARG A 178 -8.07 14.05 -14.62
CA ARG A 178 -7.39 12.85 -15.02
C ARG A 178 -5.89 13.06 -15.03
N GLY A 179 -5.20 12.37 -14.13
CA GLY A 179 -3.75 12.39 -14.10
C GLY A 179 -3.19 11.24 -14.91
N GLU A 180 -1.93 10.97 -14.72
CA GLU A 180 -1.23 9.85 -15.35
C GLU A 180 -1.65 8.49 -14.76
N LYS A 181 -1.78 8.41 -13.43
CA LYS A 181 -2.04 7.14 -12.74
C LYS A 181 -3.30 7.16 -11.89
N ILE A 182 -3.78 8.35 -11.55
CA ILE A 182 -4.97 8.49 -10.76
C ILE A 182 -5.90 9.51 -11.35
N MET A 183 -7.18 9.39 -11.02
CA MET A 183 -8.18 10.37 -11.37
C MET A 183 -8.92 10.82 -10.12
N PHE A 184 -9.36 12.07 -10.14
CA PHE A 184 -10.23 12.61 -9.13
C PHE A 184 -11.58 12.83 -9.74
N TYR A 185 -12.62 12.56 -8.99
CA TYR A 185 -13.97 12.80 -9.46
C TYR A 185 -14.75 13.38 -8.27
N PHE A 186 -14.47 14.66 -7.98
CA PHE A 186 -14.92 15.33 -6.76
C PHE A 186 -16.02 16.34 -6.94
N HIS A 187 -16.65 16.71 -5.83
CA HIS A 187 -17.70 17.75 -5.83
C HIS A 187 -17.14 19.01 -6.37
N ARG A 188 -17.87 19.60 -7.32
CA ARG A 188 -17.43 20.85 -7.95
C ARG A 188 -17.10 21.91 -6.91
N ASN A 189 -18.06 22.17 -6.02
CA ASN A 189 -17.93 23.28 -5.07
C ASN A 189 -16.82 23.10 -4.04
N LYS A 190 -16.42 21.84 -3.78
CA LYS A 190 -15.28 21.59 -2.88
C LYS A 190 -13.97 21.90 -3.58
N LEU A 191 -13.92 21.66 -4.89
CA LEU A 191 -12.76 22.05 -5.67
C LEU A 191 -12.69 23.58 -5.68
N LEU A 192 -13.84 24.20 -5.87
CA LEU A 192 -13.97 25.67 -5.79
C LEU A 192 -13.58 26.22 -4.41
N GLU A 193 -14.08 25.58 -3.33
CA GLU A 193 -13.79 25.98 -1.93
C GLU A 193 -12.33 25.82 -1.52
N TYR A 194 -11.61 24.83 -2.07
CA TYR A 194 -10.22 24.57 -1.65
C TYR A 194 -9.13 24.86 -2.69
N VAL A 195 -9.26 24.31 -3.89
CA VAL A 195 -8.27 24.55 -4.96
C VAL A 195 -8.99 25.10 -6.17
N PRO A 196 -9.51 26.33 -6.06
CA PRO A 196 -10.27 26.84 -7.19
C PRO A 196 -9.37 27.22 -8.36
N ASN A 197 -8.06 27.34 -8.11
CA ASN A 197 -7.13 27.83 -9.12
C ASN A 197 -5.90 26.95 -9.39
N ASN A 198 -5.67 25.93 -8.59
CA ASN A 198 -4.41 25.17 -8.67
C ASN A 198 -4.63 23.68 -8.46
N ILE A 199 -4.41 22.89 -9.51
CA ILE A 199 -4.56 21.44 -9.40
C ILE A 199 -3.26 20.69 -9.56
N LEU A 200 -2.26 21.30 -10.20
CA LEU A 200 -1.08 20.56 -10.61
C LEU A 200 -0.33 19.92 -9.45
N SER A 201 -0.23 20.64 -8.33
CA SER A 201 0.45 20.15 -7.14
C SER A 201 -0.24 18.87 -6.66
N ALA A 202 -1.54 18.98 -6.47
CA ALA A 202 -2.35 17.89 -5.98
C ALA A 202 -2.22 16.68 -6.90
N ILE A 203 -2.42 16.89 -8.20
CA ILE A 203 -2.44 15.79 -9.15
C ILE A 203 -1.05 15.15 -9.29
N HIS A 204 0.02 15.93 -9.27
CA HIS A 204 1.38 15.38 -9.30
C HIS A 204 1.72 14.53 -8.06
N LEU A 205 1.08 14.82 -6.94
CA LEU A 205 1.46 14.21 -5.67
C LEU A 205 0.76 12.85 -5.58
N TRP A 206 -0.55 12.86 -5.80
CA TRP A 206 -1.30 11.62 -5.78
C TRP A 206 -0.85 10.68 -6.89
N ASP A 207 -0.45 11.21 -8.05
CA ASP A 207 0.16 10.39 -9.11
C ASP A 207 1.45 9.76 -8.63
N ASN A 208 2.21 10.50 -7.84
CA ASN A 208 3.50 10.00 -7.35
C ASN A 208 3.32 8.84 -6.35
N ILE A 209 2.34 9.00 -5.48
CA ILE A 209 2.03 7.98 -4.52
C ILE A 209 1.70 6.69 -5.27
N VAL A 210 0.67 6.74 -6.09
CA VAL A 210 0.25 5.56 -6.85
C VAL A 210 1.44 4.95 -7.57
N GLY A 211 2.23 5.79 -8.22
CA GLY A 211 3.40 5.35 -8.98
C GLY A 211 4.50 4.75 -8.12
N TRP A 212 4.60 5.24 -6.88
CA TRP A 212 5.55 4.70 -5.90
C TRP A 212 5.09 3.33 -5.40
N GLN A 213 3.86 3.24 -4.89
CA GLN A 213 3.30 1.93 -4.51
C GLN A 213 3.50 0.95 -5.64
N GLN A 214 3.15 1.35 -6.88
CA GLN A 214 3.32 0.47 -8.08
C GLN A 214 4.75 0.10 -8.36
N GLU A 215 5.66 0.98 -7.95
CA GLU A 215 7.12 0.79 -8.11
C GLU A 215 7.62 -0.39 -7.30
N LEU A 216 7.18 -0.47 -6.05
CA LEU A 216 7.60 -1.53 -5.12
C LEU A 216 7.16 -2.92 -5.57
N MET A 217 6.00 -2.96 -6.22
CA MET A 217 5.40 -4.21 -6.69
C MET A 217 6.11 -4.82 -7.89
N GLY A 218 6.99 -4.09 -8.56
CA GLY A 218 7.69 -4.67 -9.69
C GLY A 218 6.73 -5.00 -10.81
N ILE A 219 5.92 -4.03 -11.23
CA ILE A 219 4.99 -4.24 -12.33
C ILE A 219 5.16 -3.24 -13.45
N ASP A 220 6.37 -2.69 -13.53
CA ASP A 220 6.78 -1.75 -14.60
C ASP A 220 6.91 -2.40 -15.95
N ASP A 221 7.34 -3.66 -15.97
CA ASP A 221 7.44 -4.35 -17.24
C ASP A 221 6.11 -4.34 -18.04
N VAL A 222 4.98 -4.52 -17.36
CA VAL A 222 3.69 -4.61 -18.03
C VAL A 222 2.83 -3.33 -18.04
N ARG A 223 3.33 -2.25 -17.42
CA ARG A 223 2.64 -0.95 -17.37
C ARG A 223 3.63 0.12 -17.82
N PRO A 224 3.29 0.97 -18.79
CA PRO A 224 1.94 1.15 -19.38
C PRO A 224 1.65 0.34 -20.66
N SER A 225 2.51 -0.62 -20.99
CA SER A 225 2.45 -1.28 -22.29
C SER A 225 1.30 -2.28 -22.42
N GLN A 226 0.91 -2.92 -21.33
CA GLN A 226 -0.21 -3.84 -21.33
C GLN A 226 -1.34 -3.53 -20.36
N VAL A 227 -1.04 -2.88 -19.23
CA VAL A 227 -2.08 -2.41 -18.31
C VAL A 227 -1.89 -0.93 -18.04
N ASN A 228 -2.96 -0.16 -18.17
CA ASN A 228 -2.87 1.31 -18.09
C ASN A 228 -4.07 1.97 -17.44
N ASN A 229 -4.88 1.18 -16.72
CA ASN A 229 -6.02 1.74 -16.02
C ASN A 229 -5.59 2.61 -14.86
N HIS A 230 -6.44 3.60 -14.54
CA HIS A 230 -6.24 4.49 -13.41
C HIS A 230 -6.90 3.97 -12.14
N LEU A 231 -6.43 4.48 -11.01
CA LEU A 231 -7.23 4.47 -9.80
C LEU A 231 -8.12 5.69 -9.84
N PHE A 232 -9.30 5.57 -9.27
CA PHE A 232 -10.33 6.54 -9.42
C PHE A 232 -10.90 6.94 -8.05
N ALA A 233 -10.57 8.16 -7.63
CA ALA A 233 -10.90 8.67 -6.32
C ALA A 233 -12.16 9.48 -6.36
N ILE A 234 -13.15 9.04 -5.59
CA ILE A 234 -14.40 9.76 -5.48
C ILE A 234 -14.54 10.46 -4.11
N SER A 235 -15.54 11.32 -3.98
CA SER A 235 -15.83 12.00 -2.71
C SER A 235 -17.20 11.59 -2.22
N PRO A 236 -17.28 10.56 -1.37
CA PRO A 236 -18.57 10.20 -0.79
C PRO A 236 -19.10 11.32 0.13
N GLU A 237 -20.43 11.39 0.30
CA GLU A 237 -21.03 12.36 1.24
C GLU A 237 -21.25 11.72 2.62
N GLY A 238 -20.27 10.93 3.04
CA GLY A 238 -20.39 10.04 4.19
C GLY A 238 -19.07 9.33 4.36
N SER A 239 -19.04 8.31 5.22
CA SER A 239 -17.80 7.58 5.54
C SER A 239 -16.62 8.50 5.88
N TYR A 240 -15.44 7.90 6.07
CA TYR A 240 -14.20 8.67 6.27
C TYR A 240 -13.30 8.46 5.04
N MET A 241 -12.59 7.34 4.97
CA MET A 241 -11.73 7.04 3.84
C MET A 241 -11.48 5.53 3.67
N TRP A 242 -11.36 5.08 2.42
CA TRP A 242 -11.42 3.64 2.09
C TRP A 242 -10.95 3.29 0.68
N ALA A 243 -10.76 2.00 0.45
CA ALA A 243 -10.39 1.49 -0.86
C ALA A 243 -11.19 0.24 -1.20
N SER A 244 -11.59 0.10 -2.45
CA SER A 244 -12.35 -1.06 -2.86
C SER A 244 -12.06 -1.36 -4.33
N ASP A 245 -12.68 -2.40 -4.87
CA ASP A 245 -12.64 -2.61 -6.31
C ASP A 245 -13.21 -1.36 -6.98
N TYR A 246 -12.57 -0.91 -8.07
CA TYR A 246 -13.12 0.12 -8.98
C TYR A 246 -12.90 1.57 -8.56
N GLN A 247 -12.87 1.87 -7.26
CA GLN A 247 -12.85 3.25 -6.77
C GLN A 247 -12.35 3.32 -5.33
N ILE A 248 -11.68 4.41 -4.98
CA ILE A 248 -11.23 4.66 -3.60
C ILE A 248 -11.90 5.95 -3.22
N GLY A 249 -12.12 6.17 -1.92
CA GLY A 249 -13.04 7.21 -1.44
C GLY A 249 -12.47 8.04 -0.30
N PHE A 250 -12.70 9.35 -0.35
CA PHE A 250 -12.25 10.29 0.67
C PHE A 250 -13.39 11.25 0.87
N VAL A 251 -13.99 11.25 2.06
CA VAL A 251 -15.27 11.95 2.30
C VAL A 251 -15.14 13.41 1.89
N TYR A 252 -16.22 14.00 1.35
CA TYR A 252 -16.15 15.36 0.78
C TYR A 252 -15.85 16.48 1.76
N THR A 253 -16.23 16.29 3.03
CA THR A 253 -15.87 17.24 4.07
C THR A 253 -14.37 17.20 4.40
N TYR A 254 -13.63 16.22 3.88
CA TYR A 254 -12.20 16.08 4.20
C TYR A 254 -11.24 16.50 3.09
N LEU A 255 -11.79 16.87 1.94
CA LEU A 255 -10.96 17.05 0.75
C LEU A 255 -9.86 18.09 0.91
N GLY A 256 -10.08 19.10 1.74
CA GLY A 256 -9.07 20.11 2.02
C GLY A 256 -7.72 19.52 2.37
N ASN A 257 -7.73 18.39 3.07
CA ASN A 257 -6.48 17.64 3.38
C ASN A 257 -5.98 16.73 2.23
N ILE A 258 -6.81 16.57 1.19
CA ILE A 258 -6.44 15.90 -0.06
C ILE A 258 -5.81 16.87 -1.08
N LEU A 259 -6.57 17.90 -1.40
CA LEU A 259 -6.27 18.79 -2.53
C LEU A 259 -5.14 19.82 -2.31
N LEU A 260 -4.83 20.13 -1.06
CA LEU A 260 -3.80 21.13 -0.77
C LEU A 260 -2.52 20.44 -0.25
N GLU A 261 -1.54 20.22 -1.13
CA GLU A 261 -0.27 19.57 -0.71
C GLU A 261 0.32 20.11 0.63
N ASP A 262 0.00 21.35 0.99
CA ASP A 262 0.43 21.92 2.26
C ASP A 262 -0.44 21.38 3.40
N ASN A 263 -1.71 21.08 3.12
CA ASN A 263 -2.53 20.35 4.10
C ASN A 263 -2.12 18.85 4.18
N VAL A 264 -1.71 18.26 3.05
CA VAL A 264 -1.12 16.91 3.03
C VAL A 264 0.23 16.85 3.78
N MET A 265 1.14 17.80 3.50
CA MET A 265 2.49 17.82 4.11
C MET A 265 2.64 18.49 5.49
N ALA A 266 1.53 18.90 6.10
CA ALA A 266 1.56 19.75 7.31
C ALA A 266 1.57 18.96 8.62
N ALA A 267 0.98 17.77 8.57
CA ALA A 267 0.90 16.86 9.70
C ALA A 267 1.35 15.46 9.24
N GLU A 268 1.86 14.64 10.16
CA GLU A 268 2.46 13.35 9.80
C GLU A 268 1.45 12.43 9.10
N ASP A 269 0.26 12.40 9.69
CA ASP A 269 -0.79 11.43 9.48
C ASP A 269 -1.74 11.80 8.34
N ASN A 270 -1.46 12.89 7.62
CA ASN A 270 -2.30 13.35 6.49
C ASN A 270 -2.00 12.57 5.21
N ALA A 271 -0.71 12.38 4.92
CA ALA A 271 -0.30 11.56 3.79
C ALA A 271 -0.56 10.05 4.03
N TRP A 272 -0.69 9.65 5.28
CA TRP A 272 -0.63 8.23 5.61
C TRP A 272 -1.92 7.55 5.25
N GLY A 273 -2.98 8.02 5.88
CA GLY A 273 -4.28 7.41 5.80
C GLY A 273 -4.78 7.15 4.42
N PRO A 274 -4.57 8.10 3.52
CA PRO A 274 -4.80 7.84 2.13
C PRO A 274 -3.91 6.76 1.61
N ALA A 275 -2.59 6.89 1.76
CA ALA A 275 -1.64 5.91 1.16
C ALA A 275 -1.86 4.47 1.68
N HIS A 276 -2.28 4.37 2.92
CA HIS A 276 -2.78 3.13 3.48
C HIS A 276 -4.00 2.58 2.70
N GLU A 277 -4.81 3.49 2.17
CA GLU A 277 -6.03 3.10 1.47
C GLU A 277 -5.72 2.62 0.09
N ILE A 278 -4.76 3.25 -0.56
CA ILE A 278 -4.28 2.74 -1.83
C ILE A 278 -3.44 1.47 -1.62
N GLY A 279 -3.04 1.23 -0.38
CA GLY A 279 -2.25 0.08 -0.04
C GLY A 279 -3.11 -1.15 -0.08
N HIS A 280 -4.36 -0.97 0.30
CA HIS A 280 -5.30 -2.04 0.32
C HIS A 280 -5.49 -2.56 -1.09
N VAL A 281 -5.54 -1.66 -2.06
CA VAL A 281 -5.62 -2.07 -3.46
C VAL A 281 -4.48 -3.02 -3.84
N HIS A 282 -3.28 -2.84 -3.29
CA HIS A 282 -2.09 -3.57 -3.78
C HIS A 282 -1.49 -4.67 -2.87
N GLN A 283 -2.09 -4.90 -1.72
CA GLN A 283 -1.52 -5.76 -0.74
C GLN A 283 -1.69 -7.27 -1.02
N ALA A 284 -2.66 -7.68 -1.84
CA ALA A 284 -3.08 -9.10 -1.84
C ALA A 284 -1.99 -10.12 -2.01
N ALA A 285 -1.01 -9.88 -2.90
CA ALA A 285 0.00 -10.92 -3.12
C ALA A 285 0.74 -11.29 -1.84
N ILE A 286 1.05 -10.30 -1.02
CA ILE A 286 1.85 -10.49 0.19
C ILE A 286 1.03 -10.48 1.47
N ASN A 287 -0.29 -10.45 1.34
CA ASN A 287 -1.15 -10.38 2.51
C ASN A 287 -1.83 -11.70 2.83
N TRP A 288 -2.03 -11.95 4.12
CA TRP A 288 -2.88 -13.02 4.61
C TRP A 288 -3.68 -12.52 5.81
N ALA A 289 -4.89 -13.04 5.99
CA ALA A 289 -5.74 -12.64 7.09
C ALA A 289 -4.94 -12.75 8.37
N SER A 290 -5.16 -11.77 9.23
CA SER A 290 -4.34 -11.41 10.40
C SER A 290 -3.41 -10.26 10.10
N SER A 291 -3.22 -9.94 8.81
CA SER A 291 -2.26 -8.89 8.43
C SER A 291 -2.85 -7.82 7.57
N THR A 292 -4.15 -7.85 7.37
CA THR A 292 -4.78 -7.07 6.34
C THR A 292 -4.65 -5.56 6.57
N GLU A 293 -4.58 -5.15 7.82
CA GLU A 293 -4.41 -3.75 8.16
C GLU A 293 -2.96 -3.39 8.50
N SER A 294 -2.01 -4.30 8.25
CA SER A 294 -0.58 -3.97 8.41
C SER A 294 0.25 -4.18 7.15
N SER A 295 -0.05 -5.21 6.38
CA SER A 295 0.77 -5.54 5.20
C SER A 295 0.76 -4.40 4.22
N ASN A 296 -0.33 -3.65 4.15
CA ASN A 296 -0.41 -2.52 3.25
C ASN A 296 0.39 -1.32 3.70
N ASN A 297 0.76 -1.27 4.98
CA ASN A 297 1.59 -0.18 5.44
C ASN A 297 3.07 -0.31 5.12
N LEU A 298 3.47 -1.35 4.39
CA LEU A 298 4.74 -1.30 3.67
C LEU A 298 4.69 -0.15 2.68
N PHE A 299 3.58 -0.03 1.96
CA PHE A 299 3.38 1.08 1.06
C PHE A 299 3.28 2.40 1.79
N SER A 300 2.48 2.43 2.86
CA SER A 300 2.34 3.63 3.66
C SER A 300 3.66 4.21 4.13
N ASN A 301 4.51 3.39 4.73
CA ASN A 301 5.84 3.83 5.16
C ASN A 301 6.77 4.17 3.99
N PHE A 302 6.68 3.44 2.89
CA PHE A 302 7.46 3.82 1.70
C PHE A 302 7.05 5.23 1.21
N ILE A 303 5.77 5.53 1.21
CA ILE A 303 5.32 6.87 0.79
C ILE A 303 5.89 7.99 1.69
N ILE A 304 5.77 7.80 3.01
CA ILE A 304 6.29 8.75 3.99
C ILE A 304 7.79 8.96 3.80
N TYR A 305 8.50 7.89 3.57
CA TYR A 305 9.92 7.98 3.30
C TYR A 305 10.16 8.88 2.07
N LYS A 306 9.38 8.65 1.01
CA LYS A 306 9.58 9.35 -0.27
C LYS A 306 9.20 10.81 -0.19
N LEU A 307 8.14 11.15 0.52
CA LEU A 307 7.78 12.56 0.74
C LEU A 307 8.83 13.31 1.58
N GLY A 308 9.67 12.59 2.33
CA GLY A 308 10.94 13.11 2.83
C GLY A 308 10.93 13.94 4.11
N LYS A 309 9.78 14.22 4.68
CA LYS A 309 9.67 15.03 5.89
C LYS A 309 9.64 14.22 7.19
N TYR A 310 8.69 13.29 7.35
CA TYR A 310 8.53 12.58 8.62
C TYR A 310 9.33 11.27 8.74
N LYS A 311 9.50 10.80 9.97
CA LYS A 311 10.18 9.53 10.21
C LYS A 311 9.18 8.37 10.08
N SER A 312 9.70 7.15 10.12
CA SER A 312 8.83 5.98 10.01
C SER A 312 7.87 5.77 11.16
N ARG A 313 6.76 5.17 10.80
CA ARG A 313 5.71 4.86 11.73
C ARG A 313 5.75 3.41 12.18
N GLY A 314 5.29 3.18 13.41
CA GLY A 314 5.12 1.87 13.99
C GLY A 314 5.77 1.77 15.37
N ASN A 315 5.46 0.72 16.10
CA ASN A 315 6.11 0.46 17.39
C ASN A 315 7.60 0.08 17.29
N GLY A 316 8.27 0.10 18.42
CA GLY A 316 9.62 -0.39 18.48
C GLY A 316 9.62 -1.89 18.62
N LEU A 317 10.82 -2.47 18.59
CA LEU A 317 10.99 -3.92 18.70
C LEU A 317 10.73 -4.46 20.11
N GLY A 318 10.82 -3.60 21.11
CA GLY A 318 10.28 -3.91 22.43
C GLY A 318 8.86 -4.46 22.40
N SER A 319 8.02 -4.07 21.42
CA SER A 319 6.65 -4.57 21.34
C SER A 319 6.65 -6.00 20.89
N VAL A 320 7.56 -6.32 19.99
CA VAL A 320 7.73 -7.70 19.53
C VAL A 320 8.17 -8.61 20.69
N ALA A 321 9.24 -8.24 21.36
CA ALA A 321 9.76 -8.99 22.52
C ALA A 321 8.70 -9.26 23.60
N THR A 322 7.99 -8.22 24.02
CA THR A 322 6.91 -8.34 24.97
C THR A 322 5.85 -9.33 24.48
N ALA A 323 5.45 -9.20 23.21
CA ALA A 323 4.36 -10.02 22.66
C ALA A 323 4.78 -11.46 22.51
N ARG A 324 5.90 -11.66 21.85
CA ARG A 324 6.42 -12.96 21.62
C ARG A 324 6.74 -13.65 22.94
N TYR A 325 7.55 -13.01 23.76
CA TYR A 325 8.21 -13.70 24.86
C TYR A 325 7.58 -13.47 26.25
N ALA A 326 7.30 -12.24 26.66
CA ALA A 326 6.58 -12.04 27.92
C ALA A 326 5.15 -12.59 27.84
N ASN A 327 4.61 -12.71 26.64
CA ASN A 327 3.21 -13.11 26.45
C ASN A 327 3.01 -14.34 25.56
N GLY A 328 4.09 -14.95 25.05
CA GLY A 328 4.00 -16.21 24.28
C GLY A 328 3.23 -16.17 22.95
N GLN A 329 2.98 -15.00 22.39
CA GLN A 329 2.16 -14.89 21.19
C GLN A 329 2.92 -15.26 19.93
N ALA A 330 2.18 -15.55 18.87
CA ALA A 330 2.79 -15.83 17.58
C ALA A 330 2.49 -14.65 16.64
N TRP A 331 2.78 -14.78 15.35
CA TRP A 331 2.54 -13.68 14.41
C TRP A 331 1.06 -13.28 14.42
N TYR A 332 0.18 -14.26 14.20
CA TYR A 332 -1.25 -13.98 13.99
C TYR A 332 -1.95 -13.28 15.16
N ASN A 333 -1.52 -13.53 16.38
CA ASN A 333 -2.14 -12.87 17.52
C ASN A 333 -1.24 -11.90 18.29
N MET A 334 -0.21 -11.41 17.63
CA MET A 334 0.76 -10.49 18.29
C MET A 334 0.06 -9.25 18.82
N GLY A 335 0.20 -8.99 20.13
CA GLY A 335 -0.44 -7.85 20.78
C GLY A 335 -1.94 -7.93 20.83
N ASP A 336 -2.46 -9.13 20.63
CA ASP A 336 -3.88 -9.33 20.36
C ASP A 336 -4.31 -10.70 20.86
N ALA A 337 -4.57 -10.78 22.17
CA ALA A 337 -5.06 -12.00 22.78
C ALA A 337 -6.49 -12.38 22.30
N THR A 338 -7.30 -11.39 21.88
CA THR A 338 -8.69 -11.64 21.45
C THR A 338 -8.79 -12.44 20.13
N HIS A 339 -7.93 -12.11 19.15
CA HIS A 339 -7.92 -12.70 17.79
C HIS A 339 -9.01 -12.07 16.86
N GLN A 340 -9.36 -10.81 17.16
CA GLN A 340 -10.44 -10.07 16.47
C GLN A 340 -9.96 -8.83 15.70
N ASN A 341 -9.08 -8.02 16.31
CA ASN A 341 -8.52 -6.84 15.63
C ASN A 341 -7.00 -6.64 15.84
N GLU A 342 -6.34 -6.21 14.77
CA GLU A 342 -4.93 -6.41 14.58
C GLU A 342 -4.04 -5.37 15.28
N ASP A 343 -2.91 -5.81 15.81
CA ASP A 343 -1.92 -4.87 16.34
C ASP A 343 -1.08 -4.36 15.19
N THR A 344 -1.61 -3.38 14.49
CA THR A 344 -1.06 -2.90 13.24
C THR A 344 0.25 -2.16 13.46
N GLU A 345 0.39 -1.50 14.59
CA GLU A 345 1.56 -0.70 14.86
C GLU A 345 2.80 -1.59 15.14
N THR A 346 2.59 -2.81 15.59
CA THR A 346 3.70 -3.76 15.80
C THR A 346 4.00 -4.51 14.48
N HIS A 347 2.98 -5.13 13.94
CA HIS A 347 3.06 -5.89 12.68
C HIS A 347 3.68 -5.13 11.52
N MET A 348 3.37 -3.85 11.40
CA MET A 348 3.81 -3.09 10.25
C MET A 348 5.33 -3.00 10.16
N ARG A 349 6.04 -3.24 11.26
CA ARG A 349 7.49 -3.15 11.23
C ARG A 349 8.16 -4.30 10.50
N MET A 350 7.47 -5.41 10.37
CA MET A 350 8.06 -6.60 9.78
C MET A 350 8.43 -6.41 8.31
N ASN A 351 7.46 -6.12 7.46
CA ASN A 351 7.80 -5.85 6.06
C ASN A 351 8.80 -4.71 5.93
N TRP A 352 8.61 -3.70 6.79
CA TRP A 352 9.40 -2.50 6.75
C TRP A 352 10.87 -2.74 7.08
N GLN A 353 11.14 -3.65 8.02
CA GLN A 353 12.51 -4.03 8.32
C GLN A 353 13.20 -4.58 7.06
N LEU A 354 12.49 -5.39 6.31
CA LEU A 354 13.03 -5.97 5.07
C LEU A 354 13.40 -4.88 4.06
N TRP A 355 12.54 -3.89 3.91
CA TRP A 355 12.85 -2.76 3.08
C TRP A 355 14.05 -1.98 3.65
N ILE A 356 14.01 -1.62 4.93
CA ILE A 356 15.15 -0.87 5.52
C ILE A 356 16.49 -1.55 5.20
N TYR A 357 16.58 -2.85 5.43
CA TYR A 357 17.83 -3.56 5.22
C TYR A 357 18.18 -3.70 3.75
N TYR A 358 17.32 -4.36 2.96
CA TYR A 358 17.66 -4.63 1.57
C TYR A 358 17.63 -3.38 0.70
N HIS A 359 16.73 -2.45 1.00
CA HIS A 359 16.60 -1.25 0.19
C HIS A 359 17.36 -0.05 0.73
N ARG A 360 17.10 0.40 1.96
CA ARG A 360 17.81 1.61 2.44
C ARG A 360 19.29 1.36 2.71
N CYS A 361 19.63 0.17 3.19
CA CYS A 361 21.03 -0.22 3.34
C CYS A 361 21.61 -0.79 2.04
N GLU A 362 20.75 -0.98 1.04
CA GLU A 362 21.19 -1.32 -0.32
C GLU A 362 21.82 -2.71 -0.50
N TYR A 363 21.60 -3.65 0.42
CA TYR A 363 22.05 -5.03 0.20
C TYR A 363 21.25 -5.81 -0.85
N LYS A 364 20.11 -5.27 -1.31
CA LYS A 364 19.43 -5.76 -2.54
C LYS A 364 18.30 -4.82 -2.96
N THR A 365 18.59 -3.90 -3.87
CA THR A 365 17.74 -2.73 -4.09
C THR A 365 16.47 -3.00 -4.85
N ASP A 366 16.30 -4.24 -5.29
CA ASP A 366 15.05 -4.65 -5.91
C ASP A 366 14.47 -5.90 -5.18
N PHE A 367 14.71 -5.99 -3.87
CA PHE A 367 14.18 -7.11 -3.08
C PHE A 367 12.64 -7.23 -3.11
N TRP A 368 11.95 -6.11 -3.00
CA TRP A 368 10.51 -6.11 -2.84
C TRP A 368 9.86 -6.43 -4.17
N GLN A 369 10.38 -5.80 -5.21
CA GLN A 369 9.99 -6.12 -6.58
C GLN A 369 10.17 -7.62 -6.85
N THR A 370 11.28 -8.20 -6.40
CA THR A 370 11.51 -9.63 -6.60
C THR A 370 10.52 -10.45 -5.80
N LEU A 371 10.31 -10.05 -4.53
CA LEU A 371 9.41 -10.80 -3.62
C LEU A 371 7.95 -10.76 -4.03
N PHE A 372 7.47 -9.58 -4.43
CA PHE A 372 6.14 -9.48 -5.03
C PHE A 372 5.96 -10.45 -6.22
N LYS A 373 6.97 -10.52 -7.08
CA LYS A 373 6.87 -11.37 -8.28
C LYS A 373 6.69 -12.82 -7.86
N LEU A 374 7.53 -13.25 -6.93
CA LEU A 374 7.46 -14.59 -6.39
C LEU A 374 6.11 -14.89 -5.74
N MET A 375 5.59 -13.94 -4.96
CA MET A 375 4.29 -14.13 -4.28
C MET A 375 3.12 -14.14 -5.27
N ARG A 376 3.24 -13.40 -6.36
CA ARG A 376 2.26 -13.55 -7.44
C ARG A 376 2.32 -14.94 -8.09
N GLU A 377 3.51 -15.55 -8.15
CA GLU A 377 3.63 -16.92 -8.68
C GLU A 377 3.03 -17.93 -7.70
N VAL A 378 3.20 -17.68 -6.41
CA VAL A 378 2.53 -18.47 -5.38
C VAL A 378 1.00 -18.34 -5.46
N ASN A 379 0.51 -17.15 -5.83
CA ASN A 379 -0.91 -16.94 -6.16
C ASN A 379 -1.92 -17.51 -5.17
N MET A 380 -1.77 -17.17 -3.90
CA MET A 380 -2.70 -17.55 -2.87
C MET A 380 -3.57 -16.36 -2.53
N THR A 381 -4.85 -16.60 -2.30
CA THR A 381 -5.72 -15.54 -1.84
C THR A 381 -5.39 -15.34 -0.41
N GLU A 382 -5.86 -14.20 0.10
CA GLU A 382 -5.54 -13.72 1.43
C GLU A 382 -6.16 -14.61 2.51
N GLY A 383 -7.31 -15.18 2.18
CA GLY A 383 -8.09 -15.96 3.13
C GLY A 383 -8.14 -17.47 2.93
N GLU A 384 -7.70 -17.99 1.78
CA GLU A 384 -7.87 -19.42 1.48
C GLU A 384 -7.14 -20.28 2.50
N ASP A 385 -5.93 -19.89 2.90
CA ASP A 385 -5.16 -20.67 3.90
C ASP A 385 -4.05 -19.84 4.55
N PRO A 386 -4.42 -18.99 5.51
CA PRO A 386 -3.50 -17.99 6.03
C PRO A 386 -2.29 -18.59 6.73
N GLY A 387 -2.47 -19.75 7.36
CA GLY A 387 -1.38 -20.50 8.02
C GLY A 387 -0.31 -20.90 7.03
N LYS A 388 -0.71 -21.48 5.92
CA LYS A 388 0.27 -21.86 4.93
C LYS A 388 0.87 -20.59 4.26
N LYS A 389 0.04 -19.57 4.10
CA LYS A 389 0.51 -18.38 3.37
C LYS A 389 1.59 -17.67 4.16
N GLN A 390 1.47 -17.61 5.47
CA GLN A 390 2.51 -17.00 6.24
C GLN A 390 3.83 -17.72 5.91
N LEU A 391 3.80 -19.05 5.77
CA LEU A 391 5.04 -19.79 5.56
C LEU A 391 5.54 -19.60 4.15
N GLU A 392 4.62 -19.54 3.20
CA GLU A 392 5.03 -19.26 1.83
C GLU A 392 5.76 -17.96 1.75
N PHE A 393 5.35 -16.97 2.56
CA PHE A 393 5.97 -15.65 2.54
C PHE A 393 7.39 -15.64 3.14
N ALA A 394 7.59 -16.37 4.21
CA ALA A 394 8.93 -16.53 4.78
C ALA A 394 9.89 -17.20 3.76
N LYS A 395 9.40 -18.25 3.10
CA LYS A 395 10.17 -18.96 2.08
C LYS A 395 10.46 -18.09 0.87
N MET A 396 9.45 -17.40 0.36
CA MET A 396 9.67 -16.56 -0.82
C MET A 396 10.56 -15.37 -0.47
N ALA A 397 10.52 -14.89 0.76
CA ALA A 397 11.41 -13.81 1.15
C ALA A 397 12.86 -14.31 1.20
N SER A 398 13.05 -15.53 1.72
CA SER A 398 14.35 -16.19 1.66
C SER A 398 14.87 -16.35 0.23
N LYS A 399 14.01 -16.78 -0.68
CA LYS A 399 14.39 -16.92 -2.08
C LYS A 399 14.67 -15.57 -2.72
N ALA A 400 13.91 -14.57 -2.33
CA ALA A 400 14.05 -13.24 -2.92
C ALA A 400 15.39 -12.59 -2.52
N ALA A 401 15.81 -12.82 -1.29
CA ALA A 401 17.07 -12.31 -0.77
C ALA A 401 18.22 -13.19 -1.21
N ASN A 402 17.90 -14.47 -1.44
CA ASN A 402 18.91 -15.52 -1.65
C ASN A 402 19.69 -15.66 -0.35
N GLN A 403 18.95 -15.66 0.76
CA GLN A 403 19.50 -15.82 2.09
C GLN A 403 18.51 -16.58 2.96
N ASN A 404 18.99 -17.25 4.01
CA ASN A 404 18.12 -18.03 4.87
C ASN A 404 17.63 -17.18 6.05
N LEU A 405 16.35 -16.79 5.99
CA LEU A 405 15.84 -15.75 6.88
C LEU A 405 15.10 -16.35 8.05
N THR A 406 15.50 -17.57 8.40
CA THR A 406 14.90 -18.34 9.48
C THR A 406 14.83 -17.58 10.81
N ASP A 407 15.92 -16.88 11.14
CA ASP A 407 16.00 -16.17 12.42
C ASP A 407 15.06 -14.94 12.43
N PHE A 408 15.04 -14.21 11.32
CA PHE A 408 14.11 -13.09 11.18
C PHE A 408 12.70 -13.57 11.44
N PHE A 409 12.32 -14.65 10.75
CA PHE A 409 10.95 -15.13 10.83
C PHE A 409 10.61 -15.87 12.15
N GLU A 410 11.61 -16.40 12.84
CA GLU A 410 11.40 -16.94 14.19
C GLU A 410 11.10 -15.81 15.14
N MET A 411 11.92 -14.77 15.08
CA MET A 411 11.63 -13.61 15.91
C MET A 411 10.20 -13.08 15.72
N TRP A 412 9.74 -13.05 14.47
CA TRP A 412 8.42 -12.50 14.18
C TRP A 412 7.27 -13.47 14.43
N GLY A 413 7.58 -14.68 14.90
CA GLY A 413 6.55 -15.61 15.38
C GLY A 413 5.89 -16.45 14.31
N PHE A 414 6.62 -16.71 13.23
CA PHE A 414 6.13 -17.46 12.09
C PHE A 414 6.22 -18.98 12.33
N PHE A 415 7.12 -19.40 13.23
CA PHE A 415 7.32 -20.81 13.50
C PHE A 415 6.80 -21.23 14.87
N GLU A 416 5.58 -20.84 15.21
CA GLU A 416 4.88 -21.30 16.39
C GLU A 416 3.57 -21.98 15.94
N PRO A 417 3.22 -23.14 16.51
CA PRO A 417 2.00 -23.80 16.05
C PRO A 417 0.72 -22.98 16.30
N VAL A 418 -0.25 -23.12 15.41
CA VAL A 418 -1.52 -22.45 15.55
C VAL A 418 -2.64 -23.37 15.08
N ASN A 419 -3.71 -23.42 15.87
CA ASN A 419 -4.92 -24.12 15.48
C ASN A 419 -6.10 -23.41 16.10
N THR A 420 -6.71 -22.54 15.31
CA THR A 420 -7.82 -21.73 15.77
C THR A 420 -8.43 -21.04 14.58
N THR A 421 -9.31 -20.08 14.82
CA THR A 421 -9.97 -19.37 13.75
C THR A 421 -10.02 -17.89 14.08
N ILE A 422 -9.84 -17.03 13.08
CA ILE A 422 -9.70 -15.59 13.34
C ILE A 422 -10.78 -14.87 12.59
N GLU A 423 -10.98 -13.60 12.93
CA GLU A 423 -11.92 -12.74 12.25
C GLU A 423 -11.20 -11.47 11.78
N GLN A 424 -11.19 -11.25 10.46
CA GLN A 424 -10.71 -10.02 9.86
C GLN A 424 -11.28 -9.91 8.44
N TYR A 425 -12.27 -9.06 8.23
CA TYR A 425 -13.07 -9.04 6.99
C TYR A 425 -13.44 -10.47 6.56
N GLY A 426 -14.13 -11.19 7.44
CA GLY A 426 -14.45 -12.59 7.22
C GLY A 426 -13.86 -13.41 8.35
N THR A 427 -14.18 -14.71 8.38
CA THR A 427 -13.69 -15.62 9.42
C THR A 427 -12.85 -16.67 8.72
N TYR A 428 -11.72 -17.02 9.31
CA TYR A 428 -10.76 -17.89 8.62
C TYR A 428 -10.14 -18.86 9.55
N LYS A 429 -9.77 -20.02 9.00
CA LYS A 429 -9.13 -21.05 9.74
C LYS A 429 -7.63 -20.80 9.66
N TYR A 430 -7.00 -20.63 10.81
CA TYR A 430 -5.58 -20.37 10.89
C TYR A 430 -4.89 -21.59 11.43
N TYR A 431 -4.21 -22.32 10.57
CA TYR A 431 -3.60 -23.57 10.98
C TYR A 431 -2.14 -23.65 10.55
N VAL A 432 -1.25 -23.71 11.53
CA VAL A 432 0.17 -23.95 11.32
C VAL A 432 0.62 -25.12 12.20
N SER A 433 1.14 -26.16 11.54
CA SER A 433 1.53 -27.44 12.18
C SER A 433 3.03 -27.54 12.26
N ASP A 434 3.50 -28.43 13.14
CA ASP A 434 4.92 -28.72 13.31
C ASP A 434 5.57 -29.11 12.00
N ALA A 435 4.85 -29.90 11.21
CA ALA A 435 5.37 -30.43 9.94
C ALA A 435 5.44 -29.32 8.89
N MET A 436 4.46 -28.42 8.90
CA MET A 436 4.52 -27.25 8.02
C MET A 436 5.73 -26.42 8.42
N ILE A 437 5.87 -26.21 9.73
CA ILE A 437 7.02 -25.47 10.23
C ILE A 437 8.32 -26.13 9.81
N ARG A 438 8.39 -27.46 9.98
CA ARG A 438 9.58 -28.25 9.58
C ARG A 438 9.97 -28.02 8.12
N GLU A 439 9.01 -28.16 7.22
CA GLU A 439 9.29 -28.03 5.79
C GLU A 439 9.75 -26.61 5.39
N ALA A 440 9.08 -25.59 5.91
CA ALA A 440 9.53 -24.21 5.62
C ALA A 440 11.01 -24.03 6.00
N LYS A 441 11.37 -24.41 7.21
CA LYS A 441 12.76 -24.27 7.67
C LYS A 441 13.78 -25.02 6.77
N GLU A 442 13.46 -26.26 6.41
CA GLU A 442 14.34 -27.05 5.52
C GLU A 442 14.48 -26.35 4.18
N TYR A 443 13.36 -25.89 3.62
CA TYR A 443 13.36 -25.16 2.36
C TYR A 443 14.21 -23.91 2.46
N MET A 444 14.06 -23.20 3.57
CA MET A 444 14.80 -21.95 3.75
C MET A 444 16.27 -22.25 4.03
N ALA A 445 16.54 -23.40 4.68
CA ALA A 445 17.92 -23.87 4.95
C ALA A 445 18.83 -23.93 3.71
N GLN A 446 18.24 -24.24 2.55
CA GLN A 446 19.02 -24.39 1.32
C GLN A 446 19.63 -23.08 0.82
N PHE A 447 19.42 -21.98 1.53
CA PHE A 447 20.02 -20.70 1.17
C PHE A 447 21.15 -20.42 2.12
N PRO A 448 22.12 -19.59 1.71
CA PRO A 448 23.26 -19.25 2.58
C PRO A 448 22.83 -18.39 3.76
N ALA A 449 23.63 -18.39 4.80
CA ALA A 449 23.34 -17.62 6.00
C ALA A 449 23.20 -16.15 5.63
N PRO A 450 22.39 -15.39 6.40
CA PRO A 450 22.29 -13.97 6.16
C PRO A 450 23.57 -13.28 6.59
N LYS A 451 23.98 -12.25 5.87
CA LYS A 451 25.17 -11.46 6.21
C LYS A 451 24.98 -10.60 7.46
N HIS A 452 23.73 -10.34 7.86
CA HIS A 452 23.44 -9.54 9.04
C HIS A 452 22.20 -10.02 9.78
N ALA A 453 22.20 -9.82 11.09
CA ALA A 453 21.03 -10.07 11.92
C ALA A 453 20.08 -8.88 11.93
N PHE A 454 19.50 -8.58 10.77
CA PHE A 454 18.76 -7.36 10.57
C PHE A 454 17.33 -7.41 11.13
N GLN A 455 16.99 -8.47 11.85
CA GLN A 455 15.79 -8.49 12.64
C GLN A 455 15.84 -7.51 13.78
N TYR A 456 16.98 -6.87 13.99
CA TYR A 456 17.07 -5.88 15.05
C TYR A 456 17.27 -4.51 14.47
N ILE A 457 17.01 -4.34 13.18
CA ILE A 457 17.24 -3.08 12.51
C ILE A 457 16.11 -2.08 12.79
N GLU A 458 16.48 -0.80 12.88
CA GLU A 458 15.59 0.31 13.06
C GLU A 458 15.98 1.36 12.04
N ASP A 459 15.08 2.29 11.75
CA ASP A 459 15.40 3.38 10.85
C ASP A 459 15.17 4.69 11.58
N ARG A 460 15.19 4.60 12.89
CA ARG A 460 14.85 5.69 13.77
C ARG A 460 15.81 5.60 14.97
N LYS A 461 16.28 6.74 15.46
CA LYS A 461 16.98 6.76 16.75
C LYS A 461 16.32 7.76 17.68
N LYS A 462 16.60 7.56 18.96
CA LYS A 462 15.89 8.27 20.02
C LYS A 462 15.96 9.80 19.86
N SER A 463 17.14 10.30 19.52
CA SER A 463 17.40 11.73 19.49
C SER A 463 16.68 12.50 18.39
N GLU A 464 15.94 11.80 17.52
CA GLU A 464 15.18 12.44 16.46
C GLU A 464 13.78 12.79 16.92
N PHE A 465 13.43 12.39 18.13
CA PHE A 465 12.07 12.56 18.57
C PHE A 465 12.01 13.33 19.84
N PRO A 466 10.96 14.15 20.01
CA PRO A 466 10.79 14.82 21.25
C PRO A 466 10.26 13.79 22.24
N SER A 467 10.49 14.03 23.53
CA SER A 467 10.16 13.09 24.61
C SER A 467 8.68 12.81 24.79
N ASN A 468 7.82 13.65 24.22
CA ASN A 468 6.38 13.38 24.22
C ASN A 468 5.93 12.52 23.01
N ASP A 469 6.84 12.21 22.09
CA ASP A 469 6.48 11.35 20.95
C ASP A 469 6.64 9.89 21.40
N TYR A 470 5.66 9.06 21.06
CA TYR A 470 5.69 7.64 21.43
C TYR A 470 6.99 6.93 21.00
N ARG A 471 7.65 7.43 19.96
CA ARG A 471 8.86 6.78 19.47
C ARG A 471 10.11 7.03 20.30
N TYR A 472 10.14 8.12 21.08
CA TYR A 472 11.30 8.48 21.89
C TYR A 472 11.62 7.36 22.86
N SER A 473 10.59 6.88 23.56
CA SER A 473 10.79 5.78 24.53
C SER A 473 10.78 4.36 23.90
N ALA A 474 10.24 4.21 22.70
CA ALA A 474 9.99 2.90 22.12
C ALA A 474 11.09 2.36 21.21
N VAL A 475 11.90 3.21 20.59
CA VAL A 475 12.84 2.71 19.56
C VAL A 475 14.16 2.12 20.09
N GLY A 476 14.43 2.22 21.37
CA GLY A 476 15.65 1.63 21.90
C GLY A 476 16.89 2.47 21.68
N ASP A 477 18.04 1.85 21.89
CA ASP A 477 19.32 2.56 21.93
C ASP A 477 20.24 2.10 20.80
N VAL A 478 20.13 0.84 20.39
CA VAL A 478 21.02 0.29 19.37
C VAL A 478 20.29 -0.39 18.21
N GLY A 479 20.98 -0.53 17.08
CA GLY A 479 20.51 -1.24 15.92
C GLY A 479 20.05 -0.32 14.81
N TYR A 480 20.41 0.96 14.92
CA TYR A 480 20.17 1.96 13.87
C TYR A 480 20.77 1.43 12.59
N TYR A 481 20.13 1.76 11.47
CA TYR A 481 20.43 1.09 10.18
C TYR A 481 21.86 1.28 9.68
N THR A 482 22.46 2.43 9.97
CA THR A 482 23.86 2.70 9.55
C THR A 482 24.83 1.68 10.11
N GLN A 483 24.53 1.12 11.27
CA GLN A 483 25.38 0.09 11.87
C GLN A 483 25.41 -1.18 11.03
N PHE A 484 24.31 -1.44 10.31
CA PHE A 484 24.22 -2.57 9.39
C PHE A 484 24.78 -2.18 8.05
N LYS A 485 24.50 -0.96 7.59
CA LYS A 485 25.06 -0.48 6.33
C LYS A 485 26.59 -0.27 6.34
N GLU A 486 27.19 0.00 7.51
CA GLU A 486 28.66 0.13 7.63
C GLU A 486 29.26 -1.06 8.36
N ASN A 487 28.53 -2.17 8.40
CA ASN A 487 28.94 -3.40 9.08
C ASN A 487 29.75 -3.18 10.36
N GLN A 488 29.25 -2.31 11.22
CA GLN A 488 29.93 -1.98 12.45
C GLN A 488 30.26 -3.25 13.27
N LYS A 489 31.50 -3.26 13.76
CA LYS A 489 32.01 -4.33 14.62
C LYS A 489 31.94 -3.88 16.06
N ILE A 490 31.93 -4.86 16.96
CA ILE A 490 32.09 -4.59 18.39
C ILE A 490 33.58 -4.62 18.75
N THR A 491 34.11 -3.47 19.17
CA THR A 491 35.55 -3.29 19.42
C THR A 491 35.88 -2.87 20.86
N LYS A 492 34.90 -2.87 21.76
CA LYS A 492 35.04 -2.23 23.07
C LYS A 492 34.82 -3.19 24.22
N ALA A 493 35.13 -2.71 25.43
CA ALA A 493 35.08 -3.51 26.65
C ALA A 493 33.65 -3.64 27.14
N ILE A 494 32.91 -4.47 26.45
CA ILE A 494 31.47 -4.60 26.65
C ILE A 494 31.11 -5.49 27.87
N THR A 495 30.33 -4.95 28.81
CA THR A 495 29.99 -5.70 30.03
C THR A 495 28.52 -5.60 30.40
N ALA A 496 28.11 -6.37 31.39
CA ALA A 496 26.72 -6.37 31.85
C ALA A 496 26.58 -6.65 33.35
N GLU A 497 25.63 -5.97 33.98
CA GLU A 497 25.36 -6.04 35.41
C GLU A 497 23.88 -6.38 35.59
N LEU A 498 23.58 -7.48 36.30
CA LEU A 498 22.19 -7.86 36.60
C LEU A 498 21.81 -7.59 38.05
N ALA A 499 20.83 -6.72 38.24
CA ALA A 499 20.33 -6.32 39.55
C ALA A 499 18.79 -6.57 39.69
N GLY A 500 18.45 -7.76 40.18
CA GLY A 500 17.07 -8.22 40.25
C GLY A 500 16.68 -8.68 38.86
N ARG A 501 15.68 -8.01 38.29
CA ARG A 501 15.26 -8.26 36.90
C ARG A 501 15.86 -7.23 35.90
N LYS A 502 16.57 -6.23 36.44
CA LYS A 502 17.20 -5.15 35.66
C LYS A 502 18.61 -5.50 35.12
N VAL A 503 18.73 -5.48 33.79
CA VAL A 503 20.01 -5.63 33.09
C VAL A 503 20.53 -4.24 32.72
N SER A 504 21.85 -4.03 32.86
CA SER A 504 22.52 -2.80 32.41
C SER A 504 23.78 -3.18 31.64
N ILE A 505 23.89 -2.66 30.42
CA ILE A 505 25.02 -2.93 29.54
C ILE A 505 25.99 -1.75 29.57
N GLN A 506 27.27 -2.05 29.69
CA GLN A 506 28.32 -1.03 29.62
C GLN A 506 29.05 -1.18 28.31
N ASN A 507 29.29 -0.06 27.64
CA ASN A 507 30.07 -0.03 26.39
C ASN A 507 29.50 -0.88 25.24
N GLY A 508 28.18 -1.00 25.21
CA GLY A 508 27.52 -1.83 24.19
C GLY A 508 26.92 -1.07 23.02
N ASP A 509 27.21 0.23 22.92
CA ASP A 509 26.60 1.08 21.90
C ASP A 509 26.96 0.67 20.47
N GLU A 510 27.87 -0.28 20.32
CA GLU A 510 28.18 -0.79 18.99
C GLU A 510 27.39 -2.05 18.64
N ALA A 511 26.83 -2.72 19.63
CA ALA A 511 25.95 -3.87 19.38
C ALA A 511 24.68 -3.41 18.63
N VAL A 512 23.89 -4.37 18.15
CA VAL A 512 22.59 -4.06 17.55
C VAL A 512 21.42 -4.57 18.39
N ALA A 513 21.71 -5.42 19.35
CA ALA A 513 20.68 -5.95 20.22
C ALA A 513 21.35 -6.75 21.32
N PHE A 514 20.54 -7.20 22.29
CA PHE A 514 20.98 -8.01 23.40
C PHE A 514 19.99 -9.14 23.65
N GLU A 515 20.49 -10.38 23.70
CA GLU A 515 19.66 -11.59 23.71
C GLU A 515 19.82 -12.51 24.93
N LEU A 516 18.72 -13.01 25.47
CA LEU A 516 18.73 -14.10 26.42
C LEU A 516 18.39 -15.41 25.69
N ARG A 517 19.40 -16.29 25.57
CA ARG A 517 19.26 -17.59 24.89
C ARG A 517 19.32 -18.76 25.88
N GLU A 518 18.96 -19.95 25.43
CA GLU A 518 18.60 -21.05 26.33
C GLU A 518 19.77 -21.78 26.93
N ASN A 519 20.83 -22.02 26.17
CA ASN A 519 22.01 -22.70 26.71
C ASN A 519 23.30 -22.09 26.24
N ASP A 520 23.49 -22.11 24.93
CA ASP A 520 24.61 -21.41 24.29
C ASP A 520 24.01 -20.44 23.25
N GLU A 521 24.86 -19.86 22.41
CA GLU A 521 24.45 -18.89 21.38
C GLU A 521 23.55 -19.44 20.26
N ASN A 522 23.30 -20.75 20.29
CA ASN A 522 22.39 -21.40 19.34
C ASN A 522 21.12 -21.98 19.98
N GLY A 523 20.99 -21.90 21.30
CA GLY A 523 19.72 -22.26 21.95
C GLY A 523 18.61 -21.28 21.63
N LYS A 524 17.36 -21.70 21.77
CA LYS A 524 16.25 -20.83 21.39
C LYS A 524 16.26 -19.51 22.19
N LEU A 525 15.71 -18.47 21.57
CA LEU A 525 15.65 -17.13 22.15
C LEU A 525 14.55 -17.07 23.20
N LEU A 526 14.86 -16.46 24.33
CA LEU A 526 13.91 -16.33 25.43
C LEU A 526 13.47 -14.90 25.65
N TYR A 527 14.34 -13.97 25.28
CA TYR A 527 14.06 -12.54 25.36
C TYR A 527 15.16 -11.79 24.59
N PHE A 528 14.85 -10.56 24.18
CA PHE A 528 15.82 -9.70 23.60
C PHE A 528 15.46 -8.24 23.92
N SER A 529 16.43 -7.36 23.69
CA SER A 529 16.19 -5.92 23.87
C SER A 529 17.20 -5.14 23.02
N THR A 530 16.76 -3.97 22.56
CA THR A 530 17.63 -3.06 21.86
C THR A 530 17.84 -1.85 22.71
N PHE A 531 17.49 -1.94 23.99
CA PHE A 531 17.86 -0.94 24.96
C PHE A 531 19.08 -1.41 25.72
N THR A 532 19.91 -0.48 26.21
CA THR A 532 21.13 -0.82 26.97
C THR A 532 20.82 -0.96 28.46
N THR A 533 19.62 -0.55 28.87
CA THR A 533 19.11 -0.81 30.20
C THR A 533 17.68 -1.29 30.04
N PHE A 534 17.32 -2.39 30.68
CA PHE A 534 15.95 -2.95 30.58
C PHE A 534 15.56 -3.94 31.66
N GLU A 535 14.26 -3.99 31.95
CA GLU A 535 13.68 -4.98 32.87
C GLU A 535 13.28 -6.23 32.10
N ILE A 536 13.76 -7.40 32.53
CA ILE A 536 13.23 -8.67 32.04
C ILE A 536 11.89 -8.95 32.71
N PRO A 537 10.90 -9.41 31.94
CA PRO A 537 9.61 -9.71 32.58
C PRO A 537 9.67 -11.01 33.42
N SER A 538 8.93 -11.02 34.52
CA SER A 538 8.84 -12.15 35.46
C SER A 538 8.64 -13.51 34.77
N SER A 539 7.78 -13.52 33.75
CA SER A 539 7.40 -14.75 33.06
C SER A 539 8.52 -15.44 32.30
N ILE A 540 9.62 -14.74 32.03
CA ILE A 540 10.77 -15.36 31.39
C ILE A 540 11.41 -16.33 32.38
N LEU A 541 11.88 -17.47 31.88
CA LEU A 541 12.51 -18.50 32.71
C LEU A 541 14.02 -18.41 32.58
N MET A 542 14.66 -17.90 33.63
CA MET A 542 16.09 -17.60 33.63
C MET A 542 17.07 -18.79 33.77
N VAL A 543 16.61 -19.94 34.30
CA VAL A 543 17.50 -21.05 34.66
C VAL A 543 18.30 -21.68 33.47
N ASN A 544 19.63 -21.64 33.59
CA ASN A 544 20.57 -22.05 32.51
C ASN A 544 20.63 -21.05 31.33
N ALA A 545 20.05 -19.86 31.51
CA ALA A 545 19.96 -18.86 30.44
C ALA A 545 21.12 -17.86 30.45
N LYS A 546 21.62 -17.55 29.26
CA LYS A 546 22.77 -16.66 29.08
C LYS A 546 22.46 -15.37 28.30
N LEU A 547 23.34 -14.37 28.48
CA LEU A 547 23.23 -13.07 27.85
C LEU A 547 24.30 -12.91 26.80
N TYR A 548 23.89 -12.49 25.60
CA TYR A 548 24.82 -12.20 24.51
C TYR A 548 24.52 -10.83 23.91
N ALA A 549 25.56 -10.13 23.47
CA ALA A 549 25.40 -8.91 22.70
C ALA A 549 25.57 -9.28 21.24
N VAL A 550 24.66 -8.79 20.40
CA VAL A 550 24.64 -9.17 18.99
C VAL A 550 25.38 -8.11 18.16
N GLN A 551 26.31 -8.58 17.34
CA GLN A 551 26.99 -7.75 16.38
C GLN A 551 26.18 -7.71 15.10
N ALA A 552 26.28 -6.60 14.38
CA ALA A 552 25.55 -6.38 13.15
C ALA A 552 25.53 -7.61 12.26
N ASP A 553 26.64 -8.34 12.20
CA ASP A 553 26.76 -9.42 11.22
C ASP A 553 26.36 -10.79 11.77
N GLY A 554 25.86 -10.84 12.99
CA GLY A 554 25.39 -12.10 13.55
C GLY A 554 26.27 -12.69 14.63
N LYS A 555 27.53 -12.28 14.71
CA LYS A 555 28.39 -12.71 15.81
C LYS A 555 27.70 -12.39 17.12
N ARG A 556 27.51 -13.41 17.95
CA ARG A 556 27.08 -13.26 19.33
C ARG A 556 28.31 -13.22 20.26
N ILE A 557 28.20 -12.53 21.40
CA ILE A 557 29.34 -12.43 22.34
C ILE A 557 28.85 -12.56 23.78
N LEU A 558 29.26 -13.63 24.45
CA LEU A 558 28.82 -13.87 25.83
C LEU A 558 29.10 -12.65 26.73
N LEU A 559 28.17 -12.37 27.64
CA LEU A 559 28.35 -11.34 28.65
C LEU A 559 28.11 -11.89 30.06
#